data_5J4S
#
_entry.id   5J4S
#
_cell.length_a   74.745
_cell.length_b   78.793
_cell.length_c   48.003
_cell.angle_alpha   90.00
_cell.angle_beta   90.00
_cell.angle_gamma   90.00
#
_symmetry.space_group_name_H-M   'P 21 21 2'
#
loop_
_entity.id
_entity.type
_entity.pdbx_description
1 polymer 'Chymotrypsinogen A'
2 polymer 'Bowman-Birk type proteinase inhibitor'
3 water water
#
loop_
_entity_poly.entity_id
_entity_poly.type
_entity_poly.pdbx_seq_one_letter_code
_entity_poly.pdbx_strand_id
1 'polypeptide(L)'
;CGVPAIQPVLSGLSRIVNGEEAVPGSWPWQVSLQDKTGFHFCGGSLINENWVVTAAHCGVTTSDVVVAGEFDQGSSSEKI
QKLKIAKVFKNSKYNSLTINNDITLLKLSTAASFSQTVSAVCLPSASDDFAAGTTCVTTGWGLTRYTNANTPDRLQQASL
PLLSNTNCKKYWGTKIKDAMICAGASGVSSCMGDSGGPLVCKKNGAWTLVGIVSWGSSTCSTSTPGVYARVTALVNWVQQ
TLAAN
;
A
2 'polypeptide(L)' DDESSKPCCDQCACTKSNPPQCRCSDLRLNSCHSACKSCICTFSIPPQCFCVDITDFCYEPCKPSEDDKEN B
#
# COMPACT_ATOMS: atom_id res chain seq x y z
N CYS A 1 20.78 0.55 10.31
CA CYS A 1 19.58 0.59 9.41
C CYS A 1 19.59 1.81 8.49
N GLY A 2 18.81 1.73 7.42
CA GLY A 2 18.53 2.88 6.59
C GLY A 2 19.71 3.45 5.84
N VAL A 3 20.85 2.78 5.83
CA VAL A 3 22.04 3.27 5.13
C VAL A 3 22.42 2.24 4.06
N PRO A 4 21.98 2.45 2.82
CA PRO A 4 22.20 1.44 1.78
C PRO A 4 23.65 1.32 1.38
N ALA A 5 24.12 0.07 1.24
CA ALA A 5 25.49 -0.15 0.78
C ALA A 5 25.68 0.34 -0.64
N ILE A 6 24.61 0.41 -1.42
CA ILE A 6 24.62 1.01 -2.75
C ILE A 6 23.76 2.26 -2.68
N GLN A 7 24.37 3.41 -2.97
CA GLN A 7 23.71 4.69 -2.74
C GLN A 7 22.62 4.92 -3.77
N PRO A 8 21.37 5.14 -3.38
CA PRO A 8 20.35 5.51 -4.36
C PRO A 8 20.64 6.87 -4.97
N VAL A 9 20.26 7.01 -6.24
CA VAL A 9 20.38 8.28 -6.96
C VAL A 9 18.98 8.68 -7.42
N LEU A 10 18.50 9.82 -6.91
CA LEU A 10 17.19 10.34 -7.25
C LEU A 10 17.36 11.57 -8.13
N SER A 11 16.68 11.58 -9.26
CA SER A 11 16.62 12.76 -10.12
C SER A 11 15.79 13.85 -9.48
N ILE A 16 4.63 2.43 -9.82
CA ILE A 16 4.84 3.87 -9.73
C ILE A 16 4.70 4.51 -11.11
N VAL A 17 3.79 5.47 -11.22
CA VAL A 17 3.53 6.18 -12.47
C VAL A 17 4.41 7.43 -12.52
N ASN A 18 5.11 7.60 -13.64
CA ASN A 18 6.03 8.73 -13.83
C ASN A 18 7.15 8.72 -12.80
N GLY A 19 7.60 7.53 -12.43
CA GLY A 19 8.80 7.37 -11.64
C GLY A 19 10.01 7.16 -12.51
N GLU A 20 11.00 6.47 -11.95
CA GLU A 20 12.21 6.10 -12.69
C GLU A 20 12.76 4.82 -12.11
N GLU A 21 13.60 4.15 -12.89
CA GLU A 21 14.26 2.94 -12.39
C GLU A 21 15.13 3.30 -11.19
N ALA A 22 15.11 2.43 -10.19
CA ALA A 22 16.07 2.55 -9.11
C ALA A 22 17.46 2.15 -9.59
N VAL A 23 18.48 2.75 -8.98
CA VAL A 23 19.82 2.16 -9.06
C VAL A 23 19.76 0.75 -8.50
N PRO A 24 20.23 -0.28 -9.21
CA PRO A 24 20.06 -1.65 -8.73
C PRO A 24 20.67 -1.84 -7.34
N GLY A 25 19.91 -2.50 -6.47
CA GLY A 25 20.34 -2.75 -5.12
C GLY A 25 20.27 -1.56 -4.18
N SER A 26 19.83 -0.39 -4.63
CA SER A 26 19.96 0.80 -3.81
C SER A 26 18.83 0.96 -2.81
N TRP A 27 17.84 0.07 -2.81
CA TRP A 27 16.77 0.06 -1.82
C TRP A 27 16.75 -1.32 -1.16
N PRO A 28 17.76 -1.61 -0.33
CA PRO A 28 18.02 -3.01 0.04
C PRO A 28 16.99 -3.61 0.98
N TRP A 29 16.13 -2.80 1.60
CA TRP A 29 15.05 -3.32 2.41
C TRP A 29 13.80 -3.67 1.59
N GLN A 30 13.74 -3.28 0.33
CA GLN A 30 12.54 -3.54 -0.47
C GLN A 30 12.48 -5.03 -0.76
N VAL A 31 11.37 -5.66 -0.38
CA VAL A 31 11.15 -7.07 -0.71
C VAL A 31 9.91 -7.18 -1.58
N SER A 32 9.83 -8.31 -2.28
CA SER A 32 8.66 -8.68 -3.06
C SER A 32 7.87 -9.75 -2.32
N LEU A 33 6.55 -9.62 -2.34
CA LEU A 33 5.66 -10.68 -1.88
C LEU A 33 5.14 -11.42 -3.10
N GLN A 34 5.35 -12.72 -3.14
CA GLN A 34 4.98 -13.54 -4.28
C GLN A 34 4.21 -14.77 -3.83
N ASP A 35 3.19 -15.13 -4.61
CA ASP A 35 2.39 -16.31 -4.28
C ASP A 35 3.15 -17.55 -4.76
N LYS A 36 2.52 -18.73 -4.64
CA LYS A 36 3.20 -19.96 -5.00
C LYS A 36 3.63 -20.01 -6.45
N THR A 37 2.97 -19.25 -7.33
CA THR A 37 3.32 -19.26 -8.74
C THR A 37 4.45 -18.30 -9.06
N GLY A 38 5.01 -17.62 -8.06
CA GLY A 38 6.04 -16.64 -8.29
C GLY A 38 5.55 -15.27 -8.69
N PHE A 39 4.25 -15.02 -8.57
CA PHE A 39 3.67 -13.75 -9.00
C PHE A 39 3.75 -12.71 -7.90
N HIS A 40 4.32 -11.55 -8.23
CA HIS A 40 4.34 -10.39 -7.34
C HIS A 40 2.97 -9.76 -7.22
N PHE A 41 2.43 -9.70 -6.00
CA PHE A 41 1.17 -9.02 -5.75
C PHE A 41 1.28 -7.88 -4.76
N CYS A 42 2.40 -7.76 -4.03
CA CYS A 42 2.56 -6.73 -3.02
C CYS A 42 4.04 -6.57 -2.73
N GLY A 43 4.39 -5.43 -2.13
CA GLY A 43 5.72 -5.19 -1.61
C GLY A 43 5.77 -5.24 -0.09
N GLY A 44 6.99 -5.05 0.42
CA GLY A 44 7.22 -5.04 1.86
C GLY A 44 8.58 -4.45 2.15
N SER A 45 8.83 -4.20 3.44
CA SER A 45 10.12 -3.68 3.89
C SER A 45 10.68 -4.56 5.01
N LEU A 46 11.95 -4.91 4.88
CA LEU A 46 12.68 -5.52 5.99
C LEU A 46 12.98 -4.50 7.07
N ILE A 47 12.64 -4.83 8.32
CA ILE A 47 13.00 -4.00 9.46
C ILE A 47 14.09 -4.62 10.31
N ASN A 48 14.40 -5.89 10.10
CA ASN A 48 15.59 -6.55 10.63
C ASN A 48 15.70 -7.90 9.93
N GLU A 49 16.59 -8.76 10.41
CA GLU A 49 16.86 -10.01 9.70
C GLU A 49 15.67 -10.95 9.71
N ASN A 50 14.69 -10.71 10.58
CA ASN A 50 13.66 -11.70 10.88
C ASN A 50 12.24 -11.21 10.64
N TRP A 51 12.03 -9.95 10.29
CA TRP A 51 10.69 -9.39 10.20
C TRP A 51 10.56 -8.51 8.96
N VAL A 52 9.38 -8.57 8.34
CA VAL A 52 9.02 -7.74 7.22
C VAL A 52 7.72 -7.02 7.59
N VAL A 53 7.61 -5.75 7.17
CA VAL A 53 6.38 -4.99 7.34
C VAL A 53 5.76 -4.75 5.98
N THR A 54 4.44 -4.90 5.90
CA THR A 54 3.70 -4.74 4.66
C THR A 54 2.30 -4.24 5.02
N ALA A 55 1.42 -4.18 4.02
CA ALA A 55 0.07 -3.68 4.22
C ALA A 55 -0.85 -4.82 4.64
N ALA A 56 -1.80 -4.51 5.52
CA ALA A 56 -2.75 -5.53 5.96
C ALA A 56 -3.65 -5.98 4.83
N HIS A 57 -4.04 -5.08 3.93
CA HIS A 57 -5.02 -5.43 2.92
C HIS A 57 -4.46 -6.44 1.91
N CYS A 58 -3.13 -6.57 1.83
CA CYS A 58 -2.53 -7.50 0.89
C CYS A 58 -2.94 -8.94 1.13
N GLY A 59 -3.42 -9.27 2.33
CA GLY A 59 -3.87 -10.62 2.59
C GLY A 59 -2.77 -11.66 2.56
N VAL A 60 -1.54 -11.28 2.92
CA VAL A 60 -0.43 -12.24 2.93
C VAL A 60 -0.75 -13.38 3.87
N THR A 61 -0.43 -14.60 3.44
CA THR A 61 -0.50 -15.79 4.28
C THR A 61 0.86 -16.49 4.28
N THR A 62 0.95 -17.58 5.05
CA THR A 62 2.20 -18.32 5.15
C THR A 62 2.51 -19.12 3.90
N SER A 63 1.56 -19.21 2.96
CA SER A 63 1.84 -19.82 1.66
C SER A 63 2.50 -18.85 0.69
N ASP A 64 2.57 -17.57 1.03
CA ASP A 64 3.29 -16.58 0.24
C ASP A 64 4.76 -16.62 0.62
N VAL A 65 5.61 -16.10 -0.27
CA VAL A 65 7.06 -16.08 -0.03
C VAL A 65 7.58 -14.65 -0.13
N VAL A 66 8.49 -14.32 0.78
CA VAL A 66 9.16 -13.03 0.80
C VAL A 66 10.41 -13.16 -0.05
N VAL A 67 10.58 -12.28 -1.04
CA VAL A 67 11.75 -12.31 -1.91
C VAL A 67 12.57 -11.04 -1.66
N ALA A 68 13.81 -11.22 -1.24
CA ALA A 68 14.71 -10.13 -0.90
C ALA A 68 15.86 -10.08 -1.89
N GLY A 69 16.33 -8.86 -2.16
CA GLY A 69 17.50 -8.67 -2.98
C GLY A 69 17.25 -8.59 -4.47
N GLU A 70 15.99 -8.52 -4.89
CA GLU A 70 15.70 -8.43 -6.31
C GLU A 70 15.82 -6.99 -6.79
N PHE A 71 16.31 -6.82 -8.01
CA PHE A 71 16.10 -5.60 -8.77
C PHE A 71 15.28 -5.86 -10.02
N ASP A 72 15.69 -6.84 -10.83
CA ASP A 72 15.00 -7.22 -12.05
C ASP A 72 14.32 -8.57 -11.80
N GLN A 73 13.00 -8.53 -11.61
CA GLN A 73 12.28 -9.76 -11.34
C GLN A 73 12.20 -10.67 -12.56
N GLY A 74 12.59 -10.18 -13.73
CA GLY A 74 12.71 -11.00 -14.91
C GLY A 74 14.05 -11.68 -15.06
N SER A 75 14.97 -11.43 -14.14
CA SER A 75 16.31 -12.01 -14.19
C SER A 75 16.34 -13.32 -13.39
N SER A 76 17.22 -14.22 -13.83
CA SER A 76 17.47 -15.46 -13.12
C SER A 76 18.90 -15.54 -12.58
N SER A 77 19.66 -14.44 -12.65
CA SER A 77 21.06 -14.45 -12.27
C SER A 77 21.36 -13.63 -11.02
N GLU A 78 20.40 -12.86 -10.53
CA GLU A 78 20.62 -12.09 -9.31
C GLU A 78 20.65 -13.02 -8.10
N LYS A 79 21.43 -12.65 -7.10
CA LYS A 79 21.53 -13.42 -5.87
C LYS A 79 20.42 -12.97 -4.93
N ILE A 80 19.29 -13.68 -5.00
CA ILE A 80 18.08 -13.33 -4.29
C ILE A 80 17.83 -14.37 -3.21
N GLN A 81 17.10 -13.96 -2.18
CA GLN A 81 16.73 -14.86 -1.09
C GLN A 81 15.22 -15.03 -1.09
N LYS A 82 14.77 -16.27 -1.22
CA LYS A 82 13.35 -16.61 -1.16
C LYS A 82 13.05 -17.10 0.25
N LEU A 83 12.34 -16.28 1.02
CA LEU A 83 12.22 -16.45 2.47
C LEU A 83 10.80 -16.85 2.82
N LYS A 84 10.66 -18.05 3.39
CA LYS A 84 9.37 -18.53 3.85
C LYS A 84 8.88 -17.72 5.04
N ILE A 85 7.57 -17.62 5.17
CA ILE A 85 6.91 -16.85 6.23
C ILE A 85 6.46 -17.83 7.31
N ALA A 86 6.96 -17.66 8.54
CA ALA A 86 6.56 -18.54 9.62
C ALA A 86 5.22 -18.14 10.23
N LYS A 87 4.96 -16.84 10.34
CA LYS A 87 3.79 -16.36 11.05
C LYS A 87 3.41 -14.99 10.50
N VAL A 88 2.11 -14.73 10.44
CA VAL A 88 1.56 -13.45 9.98
C VAL A 88 0.84 -12.79 11.14
N PHE A 89 1.13 -11.51 11.36
CA PHE A 89 0.50 -10.71 12.41
C PHE A 89 -0.22 -9.55 11.73
N LYS A 90 -1.45 -9.80 11.29
CA LYS A 90 -2.29 -8.75 10.73
C LYS A 90 -2.90 -7.93 11.87
N ASN A 91 -2.61 -6.63 11.87
CA ASN A 91 -3.12 -5.75 12.92
C ASN A 91 -4.62 -5.92 13.10
N SER A 92 -5.02 -6.32 14.31
CA SER A 92 -6.43 -6.62 14.54
C SER A 92 -7.31 -5.39 14.38
N LYS A 93 -6.73 -4.19 14.46
CA LYS A 93 -7.50 -2.97 14.27
C LYS A 93 -7.66 -2.61 12.80
N TYR A 94 -7.13 -3.41 11.89
CA TYR A 94 -7.28 -3.11 10.48
C TYR A 94 -8.73 -3.29 10.07
N ASN A 95 -9.29 -2.27 9.42
CA ASN A 95 -10.67 -2.27 8.97
C ASN A 95 -10.67 -2.33 7.45
N SER A 96 -11.16 -3.44 6.90
CA SER A 96 -11.12 -3.67 5.46
C SER A 96 -12.07 -2.76 4.69
N LEU A 97 -12.96 -2.04 5.37
CA LEU A 97 -13.82 -1.08 4.69
C LEU A 97 -13.25 0.32 4.71
N THR A 98 -12.68 0.75 5.84
CA THR A 98 -12.03 2.06 5.92
C THR A 98 -10.57 2.01 5.52
N ILE A 99 -9.97 0.82 5.48
CA ILE A 99 -8.58 0.62 5.11
C ILE A 99 -7.65 1.31 6.11
N ASN A 100 -8.13 1.49 7.34
CA ASN A 100 -7.33 2.16 8.36
C ASN A 100 -6.52 1.14 9.15
N ASN A 101 -5.40 1.61 9.70
CA ASN A 101 -4.45 0.75 10.43
C ASN A 101 -3.95 -0.38 9.53
N ASP A 102 -3.58 -0.01 8.30
CA ASP A 102 -3.29 -0.97 7.24
C ASP A 102 -1.84 -1.42 7.35
N ILE A 103 -1.58 -2.31 8.33
CA ILE A 103 -0.23 -2.81 8.57
C ILE A 103 -0.29 -4.28 8.96
N THR A 104 0.68 -5.06 8.47
CA THR A 104 0.84 -6.46 8.81
C THR A 104 2.34 -6.74 8.97
N LEU A 105 2.68 -7.56 9.96
CA LEU A 105 4.05 -7.98 10.18
C LEU A 105 4.21 -9.45 9.80
N LEU A 106 5.32 -9.77 9.13
CA LEU A 106 5.63 -11.12 8.70
C LEU A 106 6.88 -11.58 9.44
N LYS A 107 6.75 -12.65 10.21
CA LYS A 107 7.90 -13.29 10.83
C LYS A 107 8.47 -14.33 9.87
N LEU A 108 9.74 -14.16 9.50
CA LEU A 108 10.39 -15.08 8.58
C LEU A 108 10.77 -16.36 9.31
N SER A 109 10.67 -17.49 8.61
CA SER A 109 10.98 -18.77 9.24
C SER A 109 12.48 -19.01 9.34
N THR A 110 13.26 -18.40 8.46
CA THR A 110 14.71 -18.32 8.63
C THR A 110 15.15 -16.89 8.45
N ALA A 111 16.26 -16.53 9.09
CA ALA A 111 16.71 -15.16 9.09
C ALA A 111 17.27 -14.78 7.72
N ALA A 112 16.95 -13.56 7.28
CA ALA A 112 17.57 -13.04 6.07
C ALA A 112 19.07 -12.84 6.28
N SER A 113 19.82 -12.95 5.20
CA SER A 113 21.28 -12.79 5.22
C SER A 113 21.58 -11.42 4.63
N PHE A 114 21.92 -10.47 5.50
CA PHE A 114 22.12 -9.09 5.05
C PHE A 114 23.42 -8.98 4.27
N SER A 115 23.41 -8.09 3.29
CA SER A 115 24.53 -7.94 2.37
C SER A 115 24.46 -6.55 1.76
N GLN A 116 25.14 -6.37 0.63
CA GLN A 116 25.10 -5.08 -0.05
C GLN A 116 23.71 -4.79 -0.61
N THR A 117 22.95 -5.81 -1.01
CA THR A 117 21.64 -5.61 -1.60
C THR A 117 20.50 -6.02 -0.69
N VAL A 118 20.77 -6.42 0.55
CA VAL A 118 19.73 -6.82 1.50
C VAL A 118 20.06 -6.24 2.86
N SER A 119 19.20 -5.37 3.38
CA SER A 119 19.38 -4.82 4.72
C SER A 119 18.08 -4.16 5.14
N ALA A 120 18.11 -3.54 6.32
CA ALA A 120 16.90 -3.06 6.99
C ALA A 120 16.73 -1.55 6.84
N VAL A 121 15.47 -1.13 6.79
CA VAL A 121 15.13 0.28 6.90
C VAL A 121 15.00 0.63 8.37
N CYS A 122 15.18 1.90 8.70
CA CYS A 122 14.98 2.35 10.07
C CYS A 122 13.49 2.58 10.36
N LEU A 123 13.11 2.31 11.60
CA LEU A 123 11.78 2.66 12.09
C LEU A 123 11.81 3.98 12.85
N PRO A 124 10.78 4.82 12.73
CA PRO A 124 10.74 6.05 13.50
C PRO A 124 10.24 5.80 14.91
N SER A 125 10.30 6.85 15.72
CA SER A 125 9.60 6.85 17.00
C SER A 125 8.19 7.38 16.79
N ALA A 126 7.27 6.93 17.66
CA ALA A 126 5.89 7.40 17.58
C ALA A 126 5.78 8.90 17.71
N SER A 127 6.80 9.57 18.26
CA SER A 127 6.79 11.01 18.44
C SER A 127 7.49 11.77 17.33
N ASP A 128 8.10 11.08 16.37
CA ASP A 128 8.81 11.77 15.29
C ASP A 128 7.84 12.66 14.51
N ASP A 129 8.35 13.81 14.09
CA ASP A 129 7.58 14.82 13.38
C ASP A 129 8.13 14.93 11.97
N PHE A 130 7.40 14.38 10.99
CA PHE A 130 7.78 14.48 9.60
C PHE A 130 6.91 15.55 8.95
N ALA A 131 7.52 16.66 8.56
CA ALA A 131 6.79 17.88 8.25
C ALA A 131 6.13 17.79 6.88
N ALA A 132 4.87 18.21 6.81
CA ALA A 132 4.23 18.45 5.53
C ALA A 132 5.17 19.21 4.61
N GLY A 133 5.22 18.79 3.35
CA GLY A 133 6.13 19.39 2.39
C GLY A 133 7.49 18.72 2.29
N THR A 134 7.80 17.78 3.17
CA THR A 134 9.06 17.06 3.05
C THR A 134 9.05 16.19 1.81
N THR A 135 10.17 16.19 1.09
CA THR A 135 10.34 15.29 -0.05
C THR A 135 10.81 13.94 0.46
N CYS A 136 10.02 12.91 0.22
CA CYS A 136 10.36 11.54 0.54
C CYS A 136 10.37 10.70 -0.74
N VAL A 137 10.57 9.40 -0.58
CA VAL A 137 10.70 8.49 -1.71
C VAL A 137 9.85 7.26 -1.46
N THR A 138 9.19 6.78 -2.50
CA THR A 138 8.52 5.50 -2.48
C THR A 138 9.02 4.65 -3.65
N THR A 139 9.08 3.33 -3.42
CA THR A 139 9.63 2.40 -4.38
C THR A 139 8.70 1.21 -4.51
N GLY A 140 8.83 0.47 -5.60
CA GLY A 140 8.00 -0.71 -5.80
C GLY A 140 8.02 -1.17 -7.24
N TRP A 141 7.34 -2.30 -7.45
CA TRP A 141 7.18 -2.91 -8.77
C TRP A 141 5.77 -2.71 -9.33
N GLY A 142 5.02 -1.75 -8.81
CA GLY A 142 3.68 -1.53 -9.28
C GLY A 142 3.64 -0.99 -10.70
N LEU A 143 2.42 -0.92 -11.24
CA LEU A 143 2.20 -0.44 -12.60
C LEU A 143 2.87 0.91 -12.81
N THR A 144 3.51 1.06 -13.97
CA THR A 144 4.01 2.36 -14.40
C THR A 144 3.00 3.13 -15.25
N ARG A 145 1.85 2.52 -15.56
CA ARG A 145 0.80 3.14 -16.35
C ARG A 145 -0.48 2.38 -16.04
N TYR A 146 -1.53 3.11 -15.66
CA TYR A 146 -2.73 2.43 -15.16
C TYR A 146 -3.33 1.49 -16.19
N THR A 147 -3.21 1.82 -17.47
CA THR A 147 -3.77 0.96 -18.52
C THR A 147 -3.02 -0.36 -18.67
N ASN A 148 -1.89 -0.51 -18.00
CA ASN A 148 -1.02 -1.66 -18.24
C ASN A 148 -1.59 -2.94 -17.61
N ALA A 149 -1.41 -4.05 -18.31
CA ALA A 149 -1.57 -5.38 -17.75
C ALA A 149 -0.24 -5.99 -17.33
N ASN A 150 0.80 -5.16 -17.24
CA ASN A 150 2.18 -5.65 -17.08
C ASN A 150 2.91 -4.73 -16.12
N THR A 151 3.18 -5.22 -14.91
CA THR A 151 4.07 -4.50 -14.01
C THR A 151 5.46 -4.43 -14.62
N PRO A 152 6.32 -3.54 -14.14
CA PRO A 152 7.72 -3.55 -14.59
C PRO A 152 8.51 -4.63 -13.87
N ASP A 153 9.52 -5.15 -14.57
CA ASP A 153 10.42 -6.10 -13.94
C ASP A 153 11.40 -5.43 -12.99
N ARG A 154 11.81 -4.21 -13.29
CA ARG A 154 12.84 -3.51 -12.52
C ARG A 154 12.20 -2.61 -11.47
N LEU A 155 12.82 -2.58 -10.28
CA LEU A 155 12.31 -1.77 -9.18
C LEU A 155 12.31 -0.30 -9.57
N GLN A 156 11.18 0.36 -9.36
CA GLN A 156 11.01 1.77 -9.67
C GLN A 156 11.05 2.62 -8.40
N GLN A 157 11.25 3.92 -8.59
CA GLN A 157 11.30 4.88 -7.48
C GLN A 157 10.68 6.19 -7.93
N ALA A 158 10.19 6.95 -6.97
CA ALA A 158 9.78 8.32 -7.22
C ALA A 158 9.95 9.16 -5.96
N SER A 159 10.31 10.43 -6.16
CA SER A 159 10.31 11.42 -5.09
C SER A 159 8.97 12.13 -5.08
N LEU A 160 8.48 12.47 -3.90
CA LEU A 160 7.16 13.07 -3.77
C LEU A 160 7.03 13.73 -2.42
N PRO A 161 6.21 14.76 -2.28
CA PRO A 161 6.08 15.47 -1.00
C PRO A 161 5.03 14.85 -0.10
N LEU A 162 5.27 14.98 1.21
CA LEU A 162 4.25 14.66 2.19
C LEU A 162 3.21 15.76 2.23
N LEU A 163 1.96 15.37 2.46
CA LEU A 163 0.90 16.33 2.74
C LEU A 163 0.56 16.31 4.22
N SER A 164 -0.01 17.42 4.69
CA SER A 164 -0.72 17.39 5.95
C SER A 164 -2.04 16.64 5.76
N ASN A 165 -2.51 16.01 6.84
CA ASN A 165 -3.81 15.37 6.78
C ASN A 165 -4.92 16.37 6.49
N THR A 166 -4.75 17.61 6.96
CA THR A 166 -5.72 18.66 6.64
C THR A 166 -5.85 18.86 5.14
N ASN A 167 -4.70 19.02 4.45
CA ASN A 167 -4.76 19.17 3.00
C ASN A 167 -5.20 17.88 2.32
N CYS A 168 -4.83 16.72 2.87
CA CYS A 168 -5.23 15.47 2.23
C CYS A 168 -6.74 15.29 2.29
N LYS A 169 -7.38 15.75 3.37
CA LYS A 169 -8.83 15.65 3.47
C LYS A 169 -9.54 16.47 2.39
N LYS A 170 -8.88 17.49 1.85
CA LYS A 170 -9.47 18.26 0.77
C LYS A 170 -9.60 17.42 -0.51
N TYR A 171 -8.82 16.35 -0.64
CA TYR A 171 -8.99 15.40 -1.73
C TYR A 171 -9.95 14.27 -1.37
N TRP A 172 -9.73 13.62 -0.22
CA TRP A 172 -10.41 12.38 0.12
C TRP A 172 -11.33 12.49 1.33
N GLY A 173 -11.44 13.67 1.94
CA GLY A 173 -12.50 13.88 2.91
C GLY A 173 -12.34 12.98 4.12
N THR A 174 -13.47 12.46 4.61
CA THR A 174 -13.47 11.70 5.86
C THR A 174 -12.86 10.32 5.72
N LYS A 175 -12.37 9.95 4.54
CA LYS A 175 -11.61 8.71 4.38
C LYS A 175 -10.27 8.76 5.11
N ILE A 176 -9.76 9.94 5.39
CA ILE A 176 -8.42 10.11 5.96
C ILE A 176 -8.51 10.02 7.47
N LYS A 177 -7.79 9.06 8.05
CA LYS A 177 -7.73 8.84 9.48
C LYS A 177 -6.34 9.16 10.01
N ASP A 178 -6.23 9.21 11.34
CA ASP A 178 -4.97 9.61 11.96
C ASP A 178 -3.86 8.60 11.69
N ALA A 179 -4.21 7.33 11.46
CA ALA A 179 -3.22 6.31 11.15
C ALA A 179 -2.87 6.28 9.66
N MET A 180 -3.19 7.35 8.94
CA MET A 180 -2.87 7.47 7.53
C MET A 180 -2.00 8.71 7.31
N ILE A 181 -1.11 8.62 6.34
CA ILE A 181 -0.34 9.77 5.88
C ILE A 181 -0.38 9.79 4.36
N CYS A 182 -0.51 10.98 3.79
CA CYS A 182 -0.63 11.15 2.35
C CYS A 182 0.64 11.74 1.76
N ALA A 183 0.90 11.39 0.50
CA ALA A 183 2.05 11.90 -0.23
C ALA A 183 1.71 11.88 -1.71
N GLY A 184 2.31 12.81 -2.45
CA GLY A 184 2.13 12.84 -3.89
C GLY A 184 1.26 13.96 -4.39
N ALA A 185 0.36 13.66 -5.33
CA ALA A 185 -0.42 14.67 -6.04
C ALA A 185 0.50 15.67 -6.72
N SER A 186 1.69 15.21 -7.11
CA SER A 186 2.78 16.08 -7.53
C SER A 186 3.33 15.68 -8.90
N GLY A 187 2.61 14.84 -9.64
CA GLY A 187 3.08 14.32 -10.91
C GLY A 187 3.50 12.87 -10.88
N VAL A 188 3.47 12.23 -9.71
CA VAL A 188 3.78 10.82 -9.58
C VAL A 188 2.69 10.16 -8.74
N SER A 189 2.65 8.83 -8.76
CA SER A 189 1.67 8.11 -7.96
C SER A 189 2.12 6.67 -7.79
N SER A 190 1.91 6.14 -6.57
CA SER A 190 1.90 4.70 -6.39
C SER A 190 0.79 4.09 -7.24
N CYS A 191 0.93 2.81 -7.55
CA CYS A 191 -0.05 2.14 -8.39
C CYS A 191 -0.04 0.64 -8.08
N MET A 192 -0.95 -0.08 -8.74
CA MET A 192 -1.22 -1.47 -8.37
C MET A 192 0.05 -2.31 -8.40
N GLY A 193 0.28 -3.03 -7.32
CA GLY A 193 1.50 -3.77 -7.11
C GLY A 193 2.49 -3.08 -6.18
N ASP A 194 2.29 -1.80 -5.90
CA ASP A 194 3.15 -1.10 -4.96
C ASP A 194 2.73 -1.30 -3.51
N SER A 195 1.48 -1.69 -3.27
CA SER A 195 0.98 -1.81 -1.90
C SER A 195 1.96 -2.58 -1.03
N GLY A 196 2.02 -2.21 0.24
CA GLY A 196 2.86 -2.88 1.20
C GLY A 196 4.29 -2.37 1.24
N GLY A 197 4.74 -1.69 0.18
CA GLY A 197 6.09 -1.21 0.12
C GLY A 197 6.26 0.10 0.86
N PRO A 198 7.49 0.62 0.84
CA PRO A 198 7.85 1.72 1.73
C PRO A 198 7.65 3.11 1.16
N LEU A 199 7.30 4.02 2.06
CA LEU A 199 7.47 5.46 1.87
C LEU A 199 8.50 5.91 2.91
N VAL A 200 9.69 6.29 2.44
CA VAL A 200 10.81 6.55 3.34
C VAL A 200 11.20 8.01 3.24
N CYS A 201 11.59 8.57 4.38
CA CYS A 201 12.15 9.91 4.47
C CYS A 201 13.49 9.81 5.21
N LYS A 202 14.45 10.63 4.81
CA LYS A 202 15.80 10.54 5.36
C LYS A 202 15.88 11.36 6.65
N LYS A 203 15.98 10.66 7.77
CA LYS A 203 16.06 11.27 9.10
C LYS A 203 17.46 11.08 9.64
N ASN A 204 18.15 12.19 9.89
CA ASN A 204 19.53 12.16 10.36
C ASN A 204 20.40 11.28 9.45
N GLY A 205 20.21 11.46 8.15
CA GLY A 205 20.96 10.72 7.15
C GLY A 205 20.54 9.29 6.93
N ALA A 206 19.54 8.79 7.66
CA ALA A 206 19.14 7.39 7.57
C ALA A 206 17.71 7.32 7.02
N TRP A 207 17.54 6.55 5.94
CA TRP A 207 16.20 6.36 5.39
C TRP A 207 15.30 5.69 6.43
N THR A 208 14.16 6.34 6.71
CA THR A 208 13.28 5.92 7.79
C THR A 208 11.88 5.71 7.23
N LEU A 209 11.25 4.62 7.65
CA LEU A 209 9.97 4.21 7.10
C LEU A 209 8.88 5.07 7.71
N VAL A 210 8.31 5.96 6.90
CA VAL A 210 7.30 6.90 7.36
C VAL A 210 5.91 6.40 6.95
N GLY A 211 5.85 5.65 5.86
CA GLY A 211 4.57 5.20 5.36
C GLY A 211 4.66 3.84 4.69
N ILE A 212 3.50 3.21 4.57
CA ILE A 212 3.33 1.94 3.88
C ILE A 212 2.29 2.15 2.79
N VAL A 213 2.63 1.78 1.55
CA VAL A 213 1.72 2.02 0.43
C VAL A 213 0.40 1.34 0.72
N SER A 214 -0.70 2.08 0.56
CA SER A 214 -2.00 1.60 0.99
C SER A 214 -3.04 1.76 -0.12
N TRP A 215 -3.53 2.98 -0.35
CA TRP A 215 -4.58 3.16 -1.35
C TRP A 215 -4.50 4.55 -1.96
N GLY A 216 -5.34 4.77 -2.95
CA GLY A 216 -5.45 6.06 -3.59
C GLY A 216 -6.40 6.01 -4.76
N SER A 217 -6.23 6.93 -5.70
CA SER A 217 -7.08 6.98 -6.88
C SER A 217 -7.10 5.63 -7.59
N SER A 218 -8.29 5.24 -8.06
CA SER A 218 -8.44 3.96 -8.74
C SER A 218 -7.68 3.92 -10.06
N THR A 219 -7.38 5.06 -10.66
CA THR A 219 -6.58 5.11 -11.88
C THR A 219 -5.15 5.60 -11.62
N CYS A 220 -4.72 5.65 -10.37
CA CYS A 220 -3.37 6.09 -10.03
C CYS A 220 -3.12 7.50 -10.56
N SER A 221 -4.10 8.38 -10.38
CA SER A 221 -3.98 9.75 -10.88
C SER A 221 -2.79 10.45 -10.23
N THR A 222 -1.97 11.10 -11.05
CA THR A 222 -0.80 11.80 -10.54
C THR A 222 -1.13 13.19 -10.00
N SER A 223 -2.40 13.60 -10.04
CA SER A 223 -2.82 14.88 -9.50
C SER A 223 -3.60 14.72 -8.21
N THR A 224 -3.77 13.50 -7.72
CA THR A 224 -4.32 13.25 -6.40
C THR A 224 -3.29 12.54 -5.53
N PRO A 225 -3.37 12.67 -4.22
CA PRO A 225 -2.32 12.11 -3.36
C PRO A 225 -2.55 10.63 -3.11
N GLY A 226 -1.44 9.90 -2.96
CA GLY A 226 -1.51 8.56 -2.45
C GLY A 226 -1.63 8.56 -0.94
N VAL A 227 -2.27 7.52 -0.41
CA VAL A 227 -2.49 7.39 1.03
C VAL A 227 -1.70 6.21 1.55
N TYR A 228 -1.00 6.42 2.65
CA TYR A 228 -0.07 5.45 3.21
C TYR A 228 -0.44 5.22 4.65
N ALA A 229 -0.18 4.01 5.15
CA ALA A 229 -0.29 3.79 6.59
C ALA A 229 0.77 4.59 7.32
N ARG A 230 0.36 5.36 8.31
CA ARG A 230 1.26 6.26 9.04
C ARG A 230 2.04 5.46 10.08
N VAL A 231 3.32 5.23 9.81
CA VAL A 231 4.11 4.31 10.62
C VAL A 231 4.29 4.82 12.05
N THR A 232 4.49 6.15 12.23
CA THR A 232 4.55 6.69 13.59
C THR A 232 3.34 6.33 14.42
N ALA A 233 2.17 6.17 13.79
CA ALA A 233 0.97 5.83 14.54
C ALA A 233 0.85 4.34 14.81
N LEU A 234 1.75 3.53 14.23
CA LEU A 234 1.66 2.08 14.32
C LEU A 234 2.94 1.44 14.83
N VAL A 235 3.99 2.23 15.09
CA VAL A 235 5.31 1.63 15.32
C VAL A 235 5.44 1.06 16.73
N ASN A 236 4.70 1.58 17.71
CA ASN A 236 4.72 0.95 19.03
C ASN A 236 4.11 -0.45 18.98
N TRP A 237 3.07 -0.62 18.17
CA TRP A 237 2.53 -1.97 17.97
C TRP A 237 3.52 -2.87 17.24
N VAL A 238 4.30 -2.30 16.32
CA VAL A 238 5.34 -3.08 15.65
C VAL A 238 6.39 -3.52 16.66
N GLN A 239 6.92 -2.58 17.43
CA GLN A 239 7.98 -2.90 18.36
C GLN A 239 7.53 -3.90 19.42
N GLN A 240 6.29 -3.73 19.91
CA GLN A 240 5.77 -4.64 20.92
C GLN A 240 5.47 -6.02 20.35
N THR A 241 5.01 -6.09 19.09
CA THR A 241 4.84 -7.39 18.44
C THR A 241 6.17 -8.13 18.37
N LEU A 242 7.24 -7.43 17.99
CA LEU A 242 8.56 -8.07 17.90
C LEU A 242 9.05 -8.49 19.27
N ALA A 243 8.86 -7.63 20.28
CA ALA A 243 9.37 -7.95 21.61
C ALA A 243 8.67 -9.18 22.18
N ALA A 244 7.43 -9.43 21.79
CA ALA A 244 6.65 -10.54 22.31
C ALA A 244 6.85 -11.84 21.53
N ASN A 245 7.48 -11.78 20.36
CA ASN A 245 7.57 -12.94 19.49
C ASN A 245 9.02 -13.16 19.03
N SER B 5 -22.08 -3.32 -18.00
CA SER B 5 -22.77 -3.87 -16.84
C SER B 5 -23.57 -2.77 -16.13
N LYS B 6 -24.84 -3.05 -15.84
CA LYS B 6 -25.73 -2.03 -15.34
C LYS B 6 -25.46 -1.73 -13.87
N PRO B 7 -26.00 -0.62 -13.35
CA PRO B 7 -25.68 -0.23 -11.97
C PRO B 7 -26.28 -1.16 -10.92
N CYS B 8 -25.64 -1.19 -9.76
CA CYS B 8 -26.11 -1.93 -8.59
C CYS B 8 -25.17 -1.66 -7.42
N CYS B 9 -25.75 -1.61 -6.22
CA CYS B 9 -24.97 -1.44 -4.98
C CYS B 9 -25.70 -2.12 -3.84
N ASP B 10 -25.04 -3.08 -3.20
CA ASP B 10 -25.67 -3.83 -2.11
C ASP B 10 -25.91 -2.95 -0.89
N GLN B 11 -24.84 -2.44 -0.28
CA GLN B 11 -24.93 -1.64 0.94
C GLN B 11 -24.95 -0.17 0.56
N CYS B 12 -26.02 0.52 0.96
CA CYS B 12 -26.22 1.94 0.61
C CYS B 12 -26.46 2.71 1.90
N ALA B 13 -25.44 3.44 2.36
CA ALA B 13 -25.52 4.19 3.61
C ALA B 13 -26.00 5.60 3.31
N CYS B 14 -27.32 5.73 3.14
CA CYS B 14 -27.92 7.05 3.04
C CYS B 14 -27.86 7.76 4.39
N THR B 15 -27.86 9.09 4.35
CA THR B 15 -27.56 9.87 5.54
C THR B 15 -28.64 10.91 5.83
N LYS B 16 -28.38 11.77 6.81
CA LYS B 16 -29.31 12.83 7.20
C LYS B 16 -29.24 13.94 6.15
N SER B 17 -30.32 14.11 5.39
CA SER B 17 -30.37 15.11 4.34
C SER B 17 -31.70 15.07 3.59
N ASN B 18 -32.09 16.18 3.01
CA ASN B 18 -33.30 16.25 2.18
C ASN B 18 -33.07 17.21 1.00
N PRO B 19 -32.97 16.68 -0.22
CA PRO B 19 -33.06 15.27 -0.63
C PRO B 19 -31.96 14.41 -0.02
N PRO B 20 -32.12 13.09 -0.08
CA PRO B 20 -31.12 12.20 0.52
C PRO B 20 -29.77 12.35 -0.16
N GLN B 21 -28.75 11.82 0.52
CA GLN B 21 -27.41 11.70 -0.06
C GLN B 21 -26.78 10.44 0.50
N CYS B 22 -26.43 9.49 -0.38
CA CYS B 22 -26.11 8.13 0.04
C CYS B 22 -24.69 7.74 -0.35
N ARG B 23 -24.19 6.72 0.33
CA ARG B 23 -22.81 6.27 0.18
C ARG B 23 -22.77 4.76 0.20
N CYS B 24 -22.14 4.17 -0.83
CA CYS B 24 -22.04 2.72 -0.96
C CYS B 24 -20.70 2.24 -0.41
N SER B 25 -20.73 1.16 0.36
CA SER B 25 -19.54 0.60 0.98
C SER B 25 -19.09 -0.70 0.33
N ASP B 26 -19.72 -1.12 -0.76
CA ASP B 26 -19.37 -2.39 -1.40
C ASP B 26 -17.90 -2.40 -1.80
N LEU B 27 -17.22 -3.50 -1.47
CA LEU B 27 -15.88 -3.75 -1.96
C LEU B 27 -15.97 -4.47 -3.30
N ARG B 28 -15.28 -3.94 -4.30
CA ARG B 28 -15.18 -4.56 -5.62
C ARG B 28 -13.72 -4.64 -6.02
N LEU B 29 -13.31 -5.80 -6.54
CA LEU B 29 -11.95 -5.96 -7.00
C LEU B 29 -11.79 -5.36 -8.40
N ASN B 30 -10.55 -4.98 -8.72
CA ASN B 30 -10.16 -4.52 -10.05
C ASN B 30 -10.65 -3.11 -10.34
N SER B 31 -11.94 -2.83 -10.12
CA SER B 31 -12.48 -1.52 -10.45
C SER B 31 -13.82 -1.36 -9.75
N CYS B 32 -14.35 -0.14 -9.82
CA CYS B 32 -15.62 0.18 -9.21
C CYS B 32 -16.77 -0.01 -10.19
N HIS B 33 -17.97 -0.13 -9.62
CA HIS B 33 -19.22 0.30 -10.22
C HIS B 33 -19.01 1.08 -11.52
N SER B 34 -19.74 0.71 -12.57
CA SER B 34 -19.54 1.34 -13.87
C SER B 34 -19.97 2.81 -13.87
N ALA B 35 -20.92 3.18 -13.03
CA ALA B 35 -21.42 4.55 -12.96
C ALA B 35 -20.83 5.32 -11.77
N CYS B 36 -19.76 4.83 -11.18
CA CYS B 36 -19.08 5.56 -10.11
C CYS B 36 -18.25 6.68 -10.71
N LYS B 37 -18.37 7.88 -10.14
CA LYS B 37 -17.64 9.03 -10.65
C LYS B 37 -16.27 9.20 -9.99
N SER B 38 -16.12 8.73 -8.75
CA SER B 38 -14.86 8.83 -8.03
C SER B 38 -14.62 7.51 -7.31
N CYS B 39 -13.58 6.80 -7.72
CA CYS B 39 -13.30 5.46 -7.22
C CYS B 39 -11.89 5.43 -6.62
N ILE B 40 -11.76 4.74 -5.49
CA ILE B 40 -10.47 4.53 -4.84
C ILE B 40 -10.19 3.04 -4.79
N CYS B 41 -8.91 2.70 -4.83
CA CYS B 41 -8.48 1.31 -4.78
C CYS B 41 -7.22 1.19 -3.93
N THR B 42 -7.11 0.08 -3.23
CA THR B 42 -5.81 -0.31 -2.69
C THR B 42 -4.87 -0.62 -3.86
N PHE B 43 -3.59 -0.34 -3.67
CA PHE B 43 -2.60 -0.55 -4.71
C PHE B 43 -2.04 -1.97 -4.69
N SER B 44 -2.90 -2.94 -4.47
CA SER B 44 -2.55 -4.35 -4.50
C SER B 44 -3.03 -4.99 -5.80
N ILE B 45 -2.62 -6.23 -6.01
CA ILE B 45 -3.09 -7.01 -7.15
C ILE B 45 -3.75 -8.29 -6.63
N PRO B 46 -5.06 -8.44 -6.80
CA PRO B 46 -6.00 -7.46 -7.39
C PRO B 46 -6.29 -6.29 -6.45
N PRO B 47 -6.52 -5.11 -7.00
CA PRO B 47 -6.86 -3.97 -6.15
C PRO B 47 -8.25 -4.11 -5.56
N GLN B 48 -8.40 -3.69 -4.31
CA GLN B 48 -9.69 -3.66 -3.62
C GLN B 48 -10.23 -2.25 -3.69
N CYS B 49 -11.35 -2.07 -4.37
CA CYS B 49 -11.82 -0.75 -4.75
C CYS B 49 -13.15 -0.42 -4.07
N PHE B 50 -13.37 0.89 -3.87
CA PHE B 50 -14.59 1.39 -3.27
C PHE B 50 -15.03 2.63 -4.02
N CYS B 51 -16.34 2.83 -4.09
CA CYS B 51 -16.90 4.06 -4.64
C CYS B 51 -17.16 5.06 -3.52
N VAL B 52 -16.58 6.25 -3.65
CA VAL B 52 -16.72 7.31 -2.66
C VAL B 52 -17.78 8.33 -3.07
N ASP B 53 -18.54 8.05 -4.12
CA ASP B 53 -19.56 8.98 -4.58
C ASP B 53 -20.59 9.25 -3.49
N ILE B 54 -21.39 10.29 -3.71
CA ILE B 54 -22.50 10.61 -2.82
C ILE B 54 -23.70 10.99 -3.68
N THR B 55 -24.58 10.02 -3.92
CA THR B 55 -25.79 10.23 -4.71
C THR B 55 -27.00 10.32 -3.78
N ASP B 56 -28.06 10.95 -4.29
CA ASP B 56 -29.32 11.05 -3.56
C ASP B 56 -30.24 9.87 -3.85
N PHE B 57 -29.67 8.69 -4.12
CA PHE B 57 -30.45 7.52 -4.47
C PHE B 57 -29.52 6.32 -4.45
N CYS B 58 -30.11 5.14 -4.25
CA CYS B 58 -29.37 3.89 -4.26
C CYS B 58 -29.67 3.12 -5.54
N TYR B 59 -28.68 2.37 -6.01
CA TYR B 59 -28.91 1.43 -7.08
C TYR B 59 -29.53 0.14 -6.50
N GLU B 60 -30.11 -0.65 -7.39
CA GLU B 60 -30.73 -1.90 -6.95
C GLU B 60 -29.69 -2.73 -6.18
N PRO B 61 -30.06 -3.34 -5.04
CA PRO B 61 -29.05 -4.03 -4.22
C PRO B 61 -28.45 -5.26 -4.87
N CYS B 62 -27.83 -5.10 -6.05
CA CYS B 62 -27.12 -6.18 -6.73
C CYS B 62 -27.78 -7.54 -6.56
N LYS B 63 -27.74 -8.07 -5.33
CA LYS B 63 -28.32 -9.38 -5.08
C LYS B 63 -29.84 -9.33 -5.21
N PRO B 64 -30.47 -10.36 -5.76
CA PRO B 64 -31.94 -10.40 -5.80
C PRO B 64 -32.50 -10.60 -4.40
N SER B 65 -33.81 -10.37 -4.28
CA SER B 65 -34.49 -10.49 -3.00
C SER B 65 -34.77 -11.94 -2.62
N GLU B 66 -34.82 -12.85 -3.60
CA GLU B 66 -35.03 -14.28 -3.35
C GLU B 66 -36.17 -14.51 -2.36
N ASP B 67 -37.33 -13.88 -2.63
CA ASP B 67 -38.46 -13.98 -1.71
C ASP B 67 -39.80 -13.91 -2.43
N ASP B 68 -39.86 -14.30 -3.70
CA ASP B 68 -41.07 -14.17 -4.49
C ASP B 68 -41.61 -15.51 -4.99
N LYS B 69 -41.04 -16.63 -4.55
CA LYS B 69 -41.45 -17.95 -5.02
C LYS B 69 -42.34 -18.71 -4.04
N GLU B 70 -42.07 -18.58 -2.75
CA GLU B 70 -42.78 -19.36 -1.74
C GLU B 70 -44.00 -18.58 -1.24
N ASN B 71 -45.18 -19.17 -1.37
CA ASN B 71 -46.41 -18.58 -0.87
C ASN B 71 -46.41 -18.56 0.66
#